data_8W98
#
_entry.id   8W98
#
_cell.length_a   108.004
_cell.length_b   108.004
_cell.length_c   44.662
_cell.angle_alpha   90.000
_cell.angle_beta   90.000
_cell.angle_gamma   120.000
#
_symmetry.space_group_name_H-M   'P 63'
#
loop_
_entity.id
_entity.type
_entity.pdbx_description
1 polymer 'Alpha/beta hydrolase fold-3 domain-containing protein'
2 non-polymer '2-[(2~{S})-2-ethylhexoxy]carbonylbenzoic acid'
3 non-polymer 'ACETYL GROUP'
4 non-polymer (2S)-2-ethylhexan-1-ol
5 water water
#
_entity_poly.entity_id   1
_entity_poly.type   'polypeptide(L)'
_entity_poly.pdbx_seq_one_letter_code
;HHHHHHMPLDPRVEQFLAQMPPLNREGLSLAEARQQFKQGALLLDQMVPPPPVDTEDGTVVTTHGPVRIRRYIPDRLRFS
HPLVFYHGGGFVFGDIDTHHGLVARLCQTVGATVISVDYSLAPEAKFPVPVAECIDVARWAAHEAPGWGLKPSIVVAGDS
AGGNLAAVVSQRAKDESLPIAAQLLFYPALDMVHETPSKRDFARGYLLEADAMQWFGEQYLRTPDDVSHPWASPALSPDL
TGLPPALVITAEYDPLRDEGEAYAEALRAAGVPTEQIRFDGMIHGFMTMPIFPQMEAAIEAVARFLERID
;
_entity_poly.pdbx_strand_id   A
#
loop_
_chem_comp.id
_chem_comp.type
_chem_comp.name
_chem_comp.formula
2EH non-polymer (2S)-2-ethylhexan-1-ol 'C8 H18 O'
ACE non-polymer 'ACETYL GROUP' 'C2 H4 O'
QGL non-polymer '2-[(2~{S})-2-ethylhexoxy]carbonylbenzoic acid' 'C16 H22 O4'
#
# COMPACT_ATOMS: atom_id res chain seq x y z
N MET A 7 15.90 15.37 11.41
CA MET A 7 14.97 15.29 12.57
C MET A 7 15.25 14.00 13.36
N PRO A 8 15.30 13.99 14.72
CA PRO A 8 15.67 12.78 15.45
C PRO A 8 14.65 11.66 15.29
N LEU A 9 15.08 10.42 15.50
CA LEU A 9 14.17 9.28 15.53
C LEU A 9 13.06 9.50 16.55
N ASP A 10 11.84 9.13 16.19
CA ASP A 10 10.79 9.05 17.18
C ASP A 10 11.27 8.19 18.33
N PRO A 11 11.02 8.62 19.60
CA PRO A 11 11.45 7.88 20.78
C PRO A 11 11.04 6.41 20.81
N ARG A 12 9.76 6.14 20.50
CA ARG A 12 9.26 4.78 20.49
C ARG A 12 9.86 3.97 19.34
N VAL A 13 10.05 4.61 18.17
CA VAL A 13 10.74 3.93 17.07
C VAL A 13 12.14 3.50 17.53
N GLU A 14 12.85 4.43 18.17
CA GLU A 14 14.21 4.21 18.64
C GLU A 14 14.25 2.92 19.49
N GLN A 15 13.36 2.85 20.50
CA GLN A 15 13.25 1.71 21.41
C GLN A 15 12.95 0.44 20.63
N PHE A 16 11.97 0.49 19.72
CA PHE A 16 11.57 -0.65 18.92
C PHE A 16 12.75 -1.20 18.13
N LEU A 17 13.51 -0.31 17.50
CA LEU A 17 14.70 -0.69 16.75
C LEU A 17 15.78 -1.23 17.69
N ALA A 18 15.93 -0.68 18.89
CA ALA A 18 16.92 -1.19 19.83
C ALA A 18 16.60 -2.62 20.25
N GLN A 19 15.32 -2.92 20.50
CA GLN A 19 14.95 -4.23 21.04
C GLN A 19 14.69 -5.22 19.90
N MET A 20 15.04 -4.85 18.67
CA MET A 20 14.83 -5.68 17.49
C MET A 20 15.93 -6.74 17.44
N PRO A 21 15.61 -8.06 17.42
CA PRO A 21 16.61 -9.11 17.69
C PRO A 21 17.89 -9.00 16.84
N SER A 29 13.74 -20.84 5.93
CA SER A 29 12.93 -21.25 4.75
C SER A 29 11.86 -20.20 4.45
N LEU A 30 11.32 -20.24 3.24
CA LEU A 30 10.32 -19.29 2.80
C LEU A 30 9.09 -19.38 3.70
N ALA A 31 8.57 -20.59 3.91
CA ALA A 31 7.34 -20.80 4.66
C ALA A 31 7.53 -20.35 6.11
N GLU A 32 8.74 -20.58 6.65
CA GLU A 32 9.06 -20.15 8.00
C GLU A 32 9.02 -18.63 8.06
N ALA A 33 9.67 -17.99 7.09
CA ALA A 33 9.82 -16.54 7.08
C ALA A 33 8.46 -15.87 6.93
N ARG A 34 7.55 -16.49 6.17
CA ARG A 34 6.17 -16.01 6.04
C ARG A 34 5.44 -16.10 7.37
N GLN A 35 5.63 -17.22 8.08
CA GLN A 35 4.98 -17.44 9.36
C GLN A 35 5.50 -16.44 10.40
N GLN A 36 6.80 -16.14 10.35
CA GLN A 36 7.45 -15.23 11.27
C GLN A 36 6.95 -13.79 11.09
N PHE A 37 6.75 -13.39 9.84
CA PHE A 37 6.21 -12.07 9.52
C PHE A 37 4.80 -11.97 10.09
N LYS A 38 4.02 -13.03 9.89
CA LYS A 38 2.64 -13.08 10.34
C LYS A 38 2.61 -13.09 11.88
N GLN A 39 3.58 -13.76 12.51
CA GLN A 39 3.68 -13.76 13.97
C GLN A 39 3.91 -12.34 14.47
N GLY A 40 4.82 -11.61 13.81
CA GLY A 40 5.15 -10.24 14.18
C GLY A 40 3.92 -9.33 14.15
N ALA A 41 3.07 -9.48 13.13
CA ALA A 41 1.86 -8.69 13.00
C ALA A 41 0.89 -9.09 14.10
N LEU A 42 0.85 -10.36 14.46
CA LEU A 42 -0.02 -10.80 15.56
C LEU A 42 0.35 -10.08 16.87
N LEU A 43 1.65 -10.07 17.20
CA LEU A 43 2.12 -9.53 18.46
C LEU A 43 1.82 -8.02 18.55
N LEU A 44 1.88 -7.32 17.41
CA LEU A 44 1.53 -5.90 17.35
C LEU A 44 0.03 -5.72 17.59
N ASP A 45 -0.80 -6.55 16.94
CA ASP A 45 -2.24 -6.45 17.11
CA ASP A 45 -2.25 -6.52 17.11
C ASP A 45 -2.63 -6.70 18.58
N GLN A 46 -1.93 -7.62 19.26
CA GLN A 46 -2.24 -7.94 20.64
C GLN A 46 -1.79 -6.79 21.56
N MET A 47 -0.68 -6.17 21.21
CA MET A 47 -0.22 -5.01 21.94
C MET A 47 -1.22 -3.87 21.80
N VAL A 48 -1.76 -3.68 20.58
CA VAL A 48 -2.71 -2.59 20.37
C VAL A 48 -3.88 -3.08 19.52
N PRO A 49 -4.94 -3.61 20.18
CA PRO A 49 -6.04 -4.24 19.46
C PRO A 49 -6.71 -3.36 18.43
N PRO A 50 -7.14 -3.94 17.28
CA PRO A 50 -7.83 -3.18 16.25
C PRO A 50 -9.24 -2.88 16.70
N PRO A 51 -9.94 -1.89 16.12
CA PRO A 51 -11.35 -1.71 16.43
C PRO A 51 -12.13 -2.88 15.83
N PRO A 52 -13.26 -3.25 16.46
CA PRO A 52 -14.16 -4.26 15.89
C PRO A 52 -14.78 -3.68 14.64
N VAL A 53 -15.02 -4.54 13.65
CA VAL A 53 -15.51 -4.12 12.34
C VAL A 53 -16.17 -5.33 11.69
N ASP A 54 -17.29 -5.12 11.00
CA ASP A 54 -17.95 -6.17 10.22
C ASP A 54 -17.14 -6.47 8.95
N THR A 55 -16.95 -7.76 8.66
CA THR A 55 -16.23 -8.18 7.47
C THR A 55 -16.93 -9.40 6.85
N GLU A 56 -16.90 -9.49 5.52
CA GLU A 56 -17.34 -10.68 4.80
C GLU A 56 -16.16 -11.14 3.93
N ASP A 57 -15.83 -12.42 3.96
CA ASP A 57 -14.80 -12.97 3.10
C ASP A 57 -15.42 -13.38 1.77
N GLY A 58 -14.64 -13.27 0.69
CA GLY A 58 -15.13 -13.60 -0.63
C GLY A 58 -13.97 -13.90 -1.57
N THR A 59 -14.32 -14.12 -2.83
CA THR A 59 -13.37 -14.49 -3.86
C THR A 59 -13.76 -13.78 -5.15
N VAL A 60 -12.78 -13.14 -5.79
CA VAL A 60 -12.99 -12.49 -7.08
C VAL A 60 -12.32 -13.33 -8.17
N VAL A 61 -13.05 -13.54 -9.25
CA VAL A 61 -12.55 -14.27 -10.42
C VAL A 61 -11.69 -13.31 -11.25
N THR A 62 -10.39 -13.54 -11.29
CA THR A 62 -9.53 -12.70 -12.13
C THR A 62 -9.07 -13.49 -13.35
N THR A 63 -8.42 -12.75 -14.26
CA THR A 63 -7.77 -13.30 -15.44
C THR A 63 -6.63 -14.25 -15.07
N HIS A 64 -6.14 -14.22 -13.84
CA HIS A 64 -5.10 -15.16 -13.43
C HIS A 64 -5.59 -16.07 -12.32
N GLY A 65 -6.90 -16.10 -12.11
CA GLY A 65 -7.41 -17.05 -11.14
C GLY A 65 -8.23 -16.36 -10.05
N PRO A 66 -8.72 -17.16 -9.08
CA PRO A 66 -9.56 -16.65 -8.00
C PRO A 66 -8.64 -15.95 -7.02
N VAL A 67 -9.09 -14.78 -6.57
CA VAL A 67 -8.32 -14.01 -5.61
C VAL A 67 -9.22 -13.75 -4.42
N ARG A 68 -8.79 -14.23 -3.24
CA ARG A 68 -9.55 -14.01 -2.03
C ARG A 68 -9.54 -12.53 -1.69
N ILE A 69 -10.69 -12.04 -1.25
CA ILE A 69 -10.80 -10.69 -0.73
C ILE A 69 -11.53 -10.73 0.61
N ARG A 70 -11.42 -9.61 1.35
CA ARG A 70 -12.21 -9.37 2.54
C ARG A 70 -12.82 -7.97 2.44
N ARG A 71 -14.14 -7.90 2.58
CA ARG A 71 -14.83 -6.63 2.54
C ARG A 71 -15.10 -6.17 3.98
N TYR A 72 -14.70 -4.93 4.26
CA TYR A 72 -14.90 -4.25 5.53
C TYR A 72 -16.06 -3.29 5.40
N ILE A 73 -17.02 -3.33 6.33
CA ILE A 73 -18.20 -2.45 6.29
C ILE A 73 -18.15 -1.57 7.53
N PRO A 74 -18.15 -0.22 7.41
CA PRO A 74 -18.00 0.64 8.57
C PRO A 74 -19.31 0.71 9.34
N ASP A 75 -19.21 1.03 10.65
CA ASP A 75 -20.39 1.30 11.47
C ASP A 75 -21.25 2.35 10.80
N ARG A 76 -20.63 3.45 10.38
CA ARG A 76 -21.31 4.54 9.69
C ARG A 76 -20.61 4.82 8.37
N LEU A 77 -21.36 4.75 7.27
CA LEU A 77 -20.86 5.00 5.92
C LEU A 77 -20.90 6.49 5.63
N ARG A 78 -19.72 7.12 5.48
CA ARG A 78 -19.67 8.55 5.23
C ARG A 78 -18.80 8.88 4.02
N PHE A 79 -18.32 7.86 3.31
CA PHE A 79 -17.54 8.09 2.11
C PHE A 79 -18.12 7.24 0.98
N SER A 80 -18.32 7.88 -0.17
CA SER A 80 -19.18 7.39 -1.23
C SER A 80 -18.42 6.54 -2.26
N HIS A 81 -17.13 6.25 -2.06
CA HIS A 81 -16.42 5.35 -2.95
C HIS A 81 -15.81 4.18 -2.19
N PRO A 82 -15.83 2.95 -2.74
CA PRO A 82 -15.11 1.87 -2.09
C PRO A 82 -13.61 2.12 -2.16
N LEU A 83 -12.89 1.69 -1.14
CA LEU A 83 -11.44 1.57 -1.20
C LEU A 83 -11.10 0.14 -1.56
N VAL A 84 -10.11 -0.01 -2.43
CA VAL A 84 -9.45 -1.28 -2.67
C VAL A 84 -8.01 -1.18 -2.16
N PHE A 85 -7.70 -2.06 -1.18
CA PHE A 85 -6.44 -2.03 -0.47
C PHE A 85 -5.59 -3.23 -0.86
N TYR A 86 -4.32 -2.97 -1.21
CA TYR A 86 -3.34 -4.01 -1.51
C TYR A 86 -2.26 -3.97 -0.43
N HIS A 87 -2.15 -5.05 0.35
CA HIS A 87 -1.17 -5.16 1.43
C HIS A 87 0.27 -5.17 0.91
N GLY A 88 1.20 -4.71 1.77
CA GLY A 88 2.64 -4.76 1.53
C GLY A 88 3.26 -6.06 2.06
N GLY A 89 4.60 -6.12 2.03
CA GLY A 89 5.33 -7.32 2.37
C GLY A 89 6.29 -7.80 1.30
N GLY A 90 6.77 -6.89 0.45
CA GLY A 90 7.83 -7.18 -0.51
C GLY A 90 7.41 -8.10 -1.66
N PHE A 91 6.09 -8.25 -1.89
CA PHE A 91 5.49 -9.11 -2.91
C PHE A 91 5.57 -10.59 -2.51
N VAL A 92 6.15 -10.87 -1.34
CA VAL A 92 6.46 -12.24 -0.91
C VAL A 92 5.70 -12.62 0.36
N PHE A 93 5.53 -11.62 1.25
CA PHE A 93 4.96 -11.83 2.57
C PHE A 93 3.64 -11.06 2.69
N GLY A 94 2.89 -11.38 3.74
CA GLY A 94 1.70 -10.65 4.10
C GLY A 94 0.44 -11.32 3.59
N ASP A 95 -0.68 -10.92 4.17
CA ASP A 95 -1.99 -11.31 3.67
C ASP A 95 -3.01 -10.35 4.24
N ILE A 96 -4.28 -10.70 4.11
CA ILE A 96 -5.39 -9.93 4.61
C ILE A 96 -5.32 -9.85 6.13
N ASP A 97 -4.79 -10.90 6.78
CA ASP A 97 -4.70 -10.94 8.23
C ASP A 97 -3.61 -10.00 8.71
N THR A 98 -2.44 -10.03 8.05
CA THR A 98 -1.31 -9.25 8.56
C THR A 98 -1.65 -7.76 8.52
N HIS A 99 -2.59 -7.35 7.67
CA HIS A 99 -2.91 -5.95 7.44
C HIS A 99 -4.28 -5.58 7.98
N HIS A 100 -4.91 -6.52 8.69
CA HIS A 100 -6.22 -6.27 9.27
C HIS A 100 -6.23 -5.02 10.17
N GLY A 101 -5.17 -4.84 10.96
CA GLY A 101 -5.08 -3.76 11.92
C GLY A 101 -5.22 -2.39 11.26
N LEU A 102 -4.58 -2.24 10.09
CA LEU A 102 -4.63 -1.03 9.29
C LEU A 102 -5.99 -0.90 8.61
N VAL A 103 -6.44 -1.98 7.99
CA VAL A 103 -7.64 -1.87 7.17
C VAL A 103 -8.86 -1.59 8.05
N ALA A 104 -8.93 -2.21 9.22
CA ALA A 104 -10.06 -2.01 10.13
C ALA A 104 -10.15 -0.52 10.53
N ARG A 105 -8.99 0.09 10.77
CA ARG A 105 -8.93 1.50 11.14
C ARG A 105 -9.28 2.38 9.94
N LEU A 106 -8.75 2.04 8.76
CA LEU A 106 -9.13 2.78 7.56
C LEU A 106 -10.64 2.75 7.40
N CYS A 107 -11.21 1.55 7.55
CA CYS A 107 -12.63 1.36 7.36
C CYS A 107 -13.44 2.21 8.35
N GLN A 108 -13.08 2.14 9.64
CA GLN A 108 -13.88 2.76 10.69
C GLN A 108 -13.60 4.26 10.78
N THR A 109 -12.34 4.69 10.54
CA THR A 109 -12.02 6.11 10.66
C THR A 109 -12.55 6.88 9.45
N VAL A 110 -12.36 6.36 8.24
CA VAL A 110 -12.88 7.05 7.06
C VAL A 110 -14.41 6.88 6.98
N GLY A 111 -14.95 5.78 7.55
CA GLY A 111 -16.32 5.36 7.27
C GLY A 111 -16.51 5.02 5.79
N ALA A 112 -15.70 4.08 5.32
CA ALA A 112 -15.70 3.62 3.93
C ALA A 112 -15.77 2.11 3.90
N THR A 113 -16.39 1.56 2.84
CA THR A 113 -16.24 0.15 2.53
C THR A 113 -14.84 -0.05 1.99
N VAL A 114 -14.18 -1.12 2.43
CA VAL A 114 -12.84 -1.42 1.99
C VAL A 114 -12.80 -2.88 1.56
N ILE A 115 -12.19 -3.11 0.39
CA ILE A 115 -11.90 -4.43 -0.14
C ILE A 115 -10.40 -4.65 0.02
N SER A 116 -10.04 -5.51 0.96
CA SER A 116 -8.66 -5.89 1.14
C SER A 116 -8.34 -7.12 0.30
N VAL A 117 -7.22 -7.08 -0.42
CA VAL A 117 -6.98 -8.03 -1.48
C VAL A 117 -5.86 -9.01 -1.12
N ASP A 118 -6.14 -10.32 -1.26
CA ASP A 118 -5.13 -11.35 -1.03
C ASP A 118 -4.53 -11.76 -2.36
N TYR A 119 -3.73 -10.89 -2.96
CA TYR A 119 -3.18 -11.16 -4.27
C TYR A 119 -2.12 -12.26 -4.16
N SER A 120 -1.78 -12.90 -5.28
CA SER A 120 -0.85 -14.03 -5.30
C SER A 120 0.57 -13.54 -5.01
N LEU A 121 1.30 -14.28 -4.17
CA LEU A 121 2.60 -13.88 -3.68
C LEU A 121 3.69 -14.55 -4.51
N ALA A 122 4.86 -13.88 -4.57
CA ALA A 122 6.06 -14.40 -5.21
C ALA A 122 6.83 -15.24 -4.20
N PRO A 123 7.70 -16.21 -4.60
CA PRO A 123 8.04 -16.49 -6.00
C PRO A 123 7.11 -17.43 -6.78
N GLU A 124 6.08 -17.96 -6.09
CA GLU A 124 5.14 -18.86 -6.72
C GLU A 124 4.45 -18.15 -7.87
N ALA A 125 3.97 -16.90 -7.66
CA ALA A 125 3.48 -16.08 -8.75
C ALA A 125 4.55 -15.01 -9.03
N LYS A 126 4.86 -14.79 -10.30
CA LYS A 126 5.87 -13.81 -10.66
C LYS A 126 5.20 -12.59 -11.27
N PHE A 127 5.88 -11.46 -11.13
CA PHE A 127 5.57 -10.28 -11.93
C PHE A 127 5.32 -10.72 -13.37
N PRO A 128 4.30 -10.14 -14.08
CA PRO A 128 3.35 -9.18 -13.52
C PRO A 128 2.02 -9.74 -13.04
N VAL A 129 2.01 -10.98 -12.56
CA VAL A 129 0.74 -11.63 -12.23
C VAL A 129 -0.05 -10.81 -11.20
N PRO A 130 0.56 -10.40 -10.07
CA PRO A 130 -0.18 -9.61 -9.08
C PRO A 130 -0.72 -8.26 -9.55
N VAL A 131 -0.09 -7.67 -10.56
CA VAL A 131 -0.61 -6.42 -11.11
C VAL A 131 -1.93 -6.71 -11.83
N ALA A 132 -1.97 -7.81 -12.56
CA ALA A 132 -3.17 -8.17 -13.33
C ALA A 132 -4.32 -8.43 -12.38
N GLU A 133 -4.01 -9.18 -11.31
CA GLU A 133 -4.99 -9.55 -10.31
C GLU A 133 -5.56 -8.31 -9.65
N CYS A 134 -4.67 -7.37 -9.27
CA CYS A 134 -5.08 -6.16 -8.57
C CYS A 134 -5.95 -5.27 -9.46
N ILE A 135 -5.63 -5.15 -10.75
CA ILE A 135 -6.48 -4.46 -11.70
C ILE A 135 -7.85 -5.12 -11.80
N ASP A 136 -7.87 -6.45 -11.91
CA ASP A 136 -9.14 -7.17 -12.06
C ASP A 136 -10.03 -6.93 -10.86
N VAL A 137 -9.45 -6.98 -9.65
CA VAL A 137 -10.22 -6.76 -8.44
C VAL A 137 -10.74 -5.32 -8.42
N ALA A 138 -9.91 -4.35 -8.85
CA ALA A 138 -10.36 -2.96 -8.91
C ALA A 138 -11.53 -2.82 -9.89
N ARG A 139 -11.44 -3.47 -11.05
CA ARG A 139 -12.50 -3.47 -12.05
C ARG A 139 -13.78 -4.07 -11.48
N TRP A 140 -13.65 -5.19 -10.74
CA TRP A 140 -14.81 -5.81 -10.09
C TRP A 140 -15.47 -4.82 -9.14
N ALA A 141 -14.64 -4.12 -8.35
CA ALA A 141 -15.17 -3.25 -7.30
C ALA A 141 -15.95 -2.09 -7.93
N ALA A 142 -15.41 -1.53 -9.03
CA ALA A 142 -16.06 -0.46 -9.77
C ALA A 142 -17.45 -0.92 -10.25
N HIS A 143 -17.50 -2.15 -10.80
CA HIS A 143 -18.76 -2.73 -11.24
C HIS A 143 -19.73 -2.91 -10.07
N GLU A 144 -19.29 -3.46 -8.96
CA GLU A 144 -20.19 -3.76 -7.86
C GLU A 144 -20.66 -2.49 -7.15
N ALA A 145 -19.86 -1.41 -7.20
CA ALA A 145 -20.04 -0.25 -6.34
C ALA A 145 -21.48 0.26 -6.39
N PRO A 146 -22.07 0.51 -7.58
CA PRO A 146 -23.44 1.01 -7.67
C PRO A 146 -24.42 0.12 -6.93
N GLY A 147 -24.14 -1.19 -6.95
CA GLY A 147 -24.97 -2.16 -6.24
C GLY A 147 -24.91 -2.04 -4.73
N TRP A 148 -23.89 -1.35 -4.21
CA TRP A 148 -23.78 -1.07 -2.79
C TRP A 148 -24.30 0.32 -2.47
N GLY A 149 -24.92 1.02 -3.44
CA GLY A 149 -25.32 2.40 -3.26
C GLY A 149 -24.14 3.38 -3.15
N LEU A 150 -23.02 3.03 -3.81
CA LEU A 150 -21.81 3.85 -3.82
C LEU A 150 -21.56 4.33 -5.24
N LYS A 151 -20.60 5.25 -5.38
CA LYS A 151 -20.18 5.65 -6.70
C LYS A 151 -19.30 4.57 -7.31
N PRO A 152 -19.31 4.46 -8.66
CA PRO A 152 -18.45 3.48 -9.37
C PRO A 152 -16.95 3.73 -9.34
N SER A 153 -16.53 4.96 -9.08
CA SER A 153 -15.12 5.25 -9.07
C SER A 153 -14.52 4.79 -7.74
N ILE A 154 -13.38 4.09 -7.77
CA ILE A 154 -12.80 3.52 -6.57
C ILE A 154 -11.62 4.36 -6.09
N VAL A 155 -11.21 4.11 -4.83
CA VAL A 155 -9.95 4.58 -4.32
C VAL A 155 -9.05 3.35 -4.14
N VAL A 156 -7.86 3.39 -4.71
CA VAL A 156 -6.87 2.33 -4.52
C VAL A 156 -5.89 2.81 -3.47
N ALA A 157 -5.36 1.84 -2.70
CA ALA A 157 -4.55 2.12 -1.53
C ALA A 157 -3.59 0.96 -1.28
N GLY A 158 -2.40 1.28 -0.76
CA GLY A 158 -1.47 0.23 -0.41
C GLY A 158 -0.24 0.75 0.29
N ASP A 159 0.39 -0.17 1.04
CA ASP A 159 1.61 0.14 1.77
C ASP A 159 2.78 -0.59 1.11
N SER A 160 3.89 0.13 0.92
CA SER A 160 5.10 -0.52 0.46
C SER A 160 4.87 -1.20 -0.92
N ALA A 161 5.06 -2.53 -1.00
CA ALA A 161 4.78 -3.27 -2.23
C ALA A 161 3.35 -3.05 -2.69
N GLY A 162 2.44 -2.88 -1.74
CA GLY A 162 1.02 -2.68 -2.05
C GLY A 162 0.79 -1.27 -2.55
N GLY A 163 1.68 -0.35 -2.18
CA GLY A 163 1.64 1.02 -2.69
C GLY A 163 2.17 1.07 -4.11
N ASN A 164 3.12 0.19 -4.41
CA ASN A 164 3.58 -0.05 -5.77
C ASN A 164 2.40 -0.47 -6.65
N LEU A 165 1.64 -1.46 -6.17
CA LEU A 165 0.50 -1.99 -6.89
C LEU A 165 -0.59 -0.94 -7.08
N ALA A 166 -0.86 -0.11 -6.07
CA ALA A 166 -1.89 0.91 -6.23
C ALA A 166 -1.46 1.98 -7.24
N ALA A 167 -0.14 2.29 -7.26
CA ALA A 167 0.40 3.26 -8.18
C ALA A 167 0.30 2.75 -9.62
N VAL A 168 0.55 1.44 -9.82
CA VAL A 168 0.49 0.88 -11.15
C VAL A 168 -0.96 0.80 -11.62
N VAL A 169 -1.86 0.38 -10.73
CA VAL A 169 -3.25 0.21 -11.08
C VAL A 169 -3.79 1.58 -11.50
N SER A 170 -3.33 2.65 -10.82
CA SER A 170 -3.76 3.99 -11.13
C SER A 170 -3.23 4.41 -12.52
N GLN A 171 -2.00 4.07 -12.88
CA GLN A 171 -1.47 4.41 -14.19
C GLN A 171 -2.19 3.65 -15.31
N ARG A 172 -2.58 2.39 -15.05
CA ARG A 172 -3.30 1.58 -16.03
C ARG A 172 -4.75 1.98 -16.20
N ALA A 173 -5.27 2.84 -15.33
CA ALA A 173 -6.71 2.97 -15.15
C ALA A 173 -7.40 3.42 -16.42
N LYS A 174 -6.96 4.58 -16.93
CA LYS A 174 -7.36 5.11 -18.22
C LYS A 174 -7.56 3.96 -19.23
N ASP A 175 -6.44 3.29 -19.56
CA ASP A 175 -6.34 2.34 -20.64
C ASP A 175 -7.24 1.14 -20.41
N GLU A 176 -7.50 0.81 -19.15
CA GLU A 176 -8.33 -0.33 -18.82
C GLU A 176 -9.78 0.10 -18.56
N SER A 177 -10.16 1.33 -18.97
CA SER A 177 -11.50 1.88 -18.71
C SER A 177 -11.92 1.69 -17.24
N LEU A 178 -11.05 2.08 -16.31
CA LEU A 178 -11.27 1.82 -14.90
C LEU A 178 -11.39 3.16 -14.18
N PRO A 179 -12.56 3.51 -13.59
CA PRO A 179 -12.70 4.78 -12.90
C PRO A 179 -12.07 4.73 -11.52
N ILE A 180 -11.02 5.53 -11.31
CA ILE A 180 -10.33 5.65 -10.02
C ILE A 180 -10.40 7.11 -9.54
N ALA A 181 -10.95 7.35 -8.34
CA ALA A 181 -11.17 8.69 -7.85
C ALA A 181 -9.98 9.22 -7.04
N ALA A 182 -9.16 8.30 -6.48
CA ALA A 182 -7.94 8.67 -5.79
C ALA A 182 -7.01 7.47 -5.60
N GLN A 183 -5.74 7.77 -5.32
CA GLN A 183 -4.73 6.80 -4.94
C GLN A 183 -4.07 7.18 -3.62
N LEU A 184 -3.95 6.19 -2.73
CA LEU A 184 -3.35 6.39 -1.42
C LEU A 184 -2.11 5.50 -1.32
N LEU A 185 -0.94 6.14 -1.36
CA LEU A 185 0.32 5.41 -1.42
C LEU A 185 1.05 5.58 -0.08
N PHE A 186 1.24 4.47 0.63
CA PHE A 186 1.88 4.54 1.94
C PHE A 186 3.28 3.97 1.77
N TYR A 187 4.28 4.86 1.89
CA TYR A 187 5.69 4.53 1.67
C TYR A 187 5.80 3.47 0.56
N PRO A 188 5.37 3.81 -0.68
CA PRO A 188 5.47 2.87 -1.81
C PRO A 188 6.87 2.66 -2.36
N ALA A 189 7.10 1.45 -2.90
CA ALA A 189 8.18 1.21 -3.84
C ALA A 189 7.73 1.62 -5.23
N LEU A 190 8.52 2.45 -5.90
CA LEU A 190 8.09 3.01 -7.17
C LEU A 190 9.15 2.96 -8.25
N ASP A 191 10.42 2.77 -7.88
CA ASP A 191 11.51 2.89 -8.84
C ASP A 191 12.56 1.84 -8.51
N MET A 192 12.55 0.75 -9.27
CA MET A 192 13.47 -0.34 -9.02
C MET A 192 14.77 -0.17 -9.81
N VAL A 193 14.91 0.94 -10.54
CA VAL A 193 16.08 1.19 -11.39
C VAL A 193 17.06 2.09 -10.65
N HIS A 194 16.61 3.23 -10.12
CA HIS A 194 17.56 4.23 -9.62
C HIS A 194 17.79 4.08 -8.13
N GLU A 195 19.05 4.33 -7.74
CA GLU A 195 19.43 4.56 -6.35
C GLU A 195 19.11 6.01 -6.04
N THR A 196 18.55 6.28 -4.86
CA THR A 196 18.28 7.64 -4.42
C THR A 196 19.16 7.90 -3.21
N PRO A 197 19.35 9.16 -2.76
CA PRO A 197 20.05 9.38 -1.50
C PRO A 197 19.49 8.51 -0.37
N SER A 198 18.17 8.51 -0.18
CA SER A 198 17.55 7.82 0.95
C SER A 198 17.83 6.32 0.85
N LYS A 199 17.82 5.77 -0.36
CA LYS A 199 18.03 4.34 -0.53
C LYS A 199 19.48 3.96 -0.19
N ARG A 200 20.39 4.90 -0.44
CA ARG A 200 21.81 4.72 -0.18
C ARG A 200 22.05 4.85 1.32
N ASP A 201 21.55 5.94 1.90
CA ASP A 201 21.85 6.37 3.26
C ASP A 201 21.10 5.57 4.33
N PHE A 202 19.91 5.03 4.04
CA PHE A 202 19.17 4.31 5.07
C PHE A 202 19.03 2.83 4.69
N ALA A 203 20.08 2.28 4.09
CA ALA A 203 20.02 0.96 3.47
C ALA A 203 20.07 -0.14 4.52
N ARG A 204 20.50 0.18 5.74
CA ARG A 204 20.66 -0.82 6.78
C ARG A 204 20.20 -0.26 8.12
N GLY A 205 19.53 -1.11 8.91
CA GLY A 205 19.21 -0.82 10.30
C GLY A 205 17.87 -0.13 10.55
N TYR A 206 17.10 0.18 9.50
CA TYR A 206 15.78 0.81 9.70
C TYR A 206 14.64 -0.10 9.22
N LEU A 207 14.80 -1.40 9.51
CA LEU A 207 13.77 -2.45 9.39
C LEU A 207 13.71 -2.97 7.95
N LEU A 208 13.50 -2.08 6.98
CA LEU A 208 13.63 -2.44 5.57
C LEU A 208 15.06 -2.18 5.13
N GLU A 209 15.72 -3.22 4.60
CA GLU A 209 17.12 -3.13 4.21
C GLU A 209 17.37 -3.50 2.74
N ALA A 210 18.56 -3.10 2.26
CA ALA A 210 19.04 -3.28 0.90
C ALA A 210 19.01 -4.76 0.51
N ASP A 211 19.63 -5.58 1.36
CA ASP A 211 19.69 -7.02 1.19
C ASP A 211 18.28 -7.59 0.94
N ALA A 212 17.33 -7.18 1.80
CA ALA A 212 15.96 -7.66 1.71
C ALA A 212 15.30 -7.21 0.39
N MET A 213 15.44 -5.93 0.06
CA MET A 213 14.86 -5.39 -1.16
C MET A 213 15.41 -6.15 -2.36
N GLN A 214 16.71 -6.43 -2.37
CA GLN A 214 17.30 -7.18 -3.46
C GLN A 214 16.65 -8.55 -3.52
N TRP A 215 16.62 -9.25 -2.40
CA TRP A 215 16.08 -10.59 -2.38
C TRP A 215 14.62 -10.56 -2.83
N PHE A 216 13.88 -9.55 -2.39
CA PHE A 216 12.47 -9.42 -2.77
C PHE A 216 12.36 -9.34 -4.29
N GLY A 217 13.22 -8.52 -4.93
CA GLY A 217 13.20 -8.32 -6.37
C GLY A 217 13.47 -9.61 -7.12
N GLU A 218 14.42 -10.40 -6.62
CA GLU A 218 14.73 -11.70 -7.19
C GLU A 218 13.53 -12.65 -7.10
N GLN A 219 12.72 -12.54 -6.04
CA GLN A 219 11.57 -13.41 -5.89
C GLN A 219 10.45 -13.00 -6.84
N TYR A 220 10.31 -11.69 -7.09
CA TYR A 220 9.15 -11.12 -7.76
C TYR A 220 9.38 -11.09 -9.27
N LEU A 221 10.51 -10.51 -9.68
CA LEU A 221 10.77 -10.24 -11.08
C LEU A 221 11.14 -11.53 -11.81
N ARG A 222 10.85 -11.57 -13.13
CA ARG A 222 11.24 -12.67 -14.01
C ARG A 222 12.73 -12.56 -14.32
N THR A 223 13.16 -11.37 -14.74
CA THR A 223 14.56 -11.15 -15.00
C THR A 223 14.95 -9.75 -14.56
N PRO A 224 16.25 -9.49 -14.35
CA PRO A 224 16.76 -8.14 -14.05
C PRO A 224 16.27 -7.05 -15.01
N ASP A 225 15.94 -7.44 -16.24
CA ASP A 225 15.36 -6.48 -17.15
C ASP A 225 14.01 -5.98 -16.64
N ASP A 226 13.31 -6.73 -15.78
CA ASP A 226 11.96 -6.30 -15.39
C ASP A 226 11.97 -4.98 -14.60
N VAL A 227 13.14 -4.53 -14.12
CA VAL A 227 13.23 -3.37 -13.26
C VAL A 227 12.79 -2.11 -13.97
N SER A 228 12.97 -2.05 -15.29
CA SER A 228 12.62 -0.87 -16.07
C SER A 228 11.22 -0.98 -16.65
N HIS A 229 10.51 -2.08 -16.39
CA HIS A 229 9.13 -2.25 -16.86
C HIS A 229 8.22 -1.23 -16.16
N PRO A 230 7.33 -0.51 -16.88
CA PRO A 230 6.50 0.51 -16.24
C PRO A 230 5.56 -0.07 -15.18
N TRP A 231 5.26 -1.37 -15.25
CA TRP A 231 4.40 -1.99 -14.24
C TRP A 231 5.16 -2.41 -12.99
N ALA A 232 6.50 -2.37 -13.02
CA ALA A 232 7.35 -2.56 -11.86
C ALA A 232 7.83 -1.21 -11.29
N SER A 233 8.19 -0.27 -12.17
CA SER A 233 8.72 1.03 -11.79
C SER A 233 7.83 2.15 -12.32
N PRO A 234 6.64 2.36 -11.72
CA PRO A 234 5.73 3.40 -12.19
C PRO A 234 6.35 4.79 -12.16
N ALA A 235 7.40 4.97 -11.37
CA ALA A 235 8.01 6.29 -11.24
C ALA A 235 8.66 6.70 -12.56
N LEU A 236 8.88 5.76 -13.48
CA LEU A 236 9.57 6.04 -14.73
C LEU A 236 8.62 6.57 -15.80
N SER A 237 7.30 6.51 -15.55
CA SER A 237 6.36 6.82 -16.60
C SER A 237 6.44 8.31 -16.93
N PRO A 238 6.64 8.68 -18.21
CA PRO A 238 6.88 10.08 -18.55
C PRO A 238 5.66 10.99 -18.57
N ASP A 239 4.46 10.43 -18.60
CA ASP A 239 3.29 11.30 -18.65
C ASP A 239 2.39 10.96 -17.47
N LEU A 240 2.28 11.88 -16.51
CA LEU A 240 1.52 11.58 -15.30
C LEU A 240 0.24 12.40 -15.30
N THR A 241 0.00 13.15 -16.40
CA THR A 241 -1.13 14.06 -16.43
C THR A 241 -2.40 13.22 -16.32
N GLY A 242 -3.42 13.76 -15.64
CA GLY A 242 -4.71 13.09 -15.60
C GLY A 242 -4.77 11.84 -14.72
N LEU A 243 -3.73 11.57 -13.92
CA LEU A 243 -3.77 10.45 -13.00
C LEU A 243 -4.65 10.82 -11.81
N PRO A 244 -5.14 9.83 -11.01
CA PRO A 244 -6.05 10.15 -9.93
C PRO A 244 -5.38 10.95 -8.81
N PRO A 245 -6.14 11.85 -8.15
CA PRO A 245 -5.68 12.53 -6.95
C PRO A 245 -4.92 11.60 -6.01
N ALA A 246 -3.77 12.07 -5.52
CA ALA A 246 -2.81 11.22 -4.83
C ALA A 246 -2.50 11.74 -3.42
N LEU A 247 -2.56 10.82 -2.43
CA LEU A 247 -1.98 11.04 -1.11
C LEU A 247 -0.73 10.18 -1.01
N VAL A 248 0.41 10.83 -0.81
CA VAL A 248 1.67 10.10 -0.75
C VAL A 248 2.29 10.34 0.63
N ILE A 249 2.32 9.27 1.41
CA ILE A 249 2.84 9.30 2.76
C ILE A 249 4.18 8.59 2.78
N THR A 250 5.19 9.30 3.30
CA THR A 250 6.52 8.73 3.46
C THR A 250 6.93 8.74 4.93
N ALA A 251 7.97 7.94 5.22
CA ALA A 251 8.68 7.92 6.50
C ALA A 251 10.06 8.54 6.30
N GLU A 252 10.50 9.37 7.24
CA GLU A 252 11.75 10.12 7.10
C GLU A 252 12.94 9.17 6.93
N TYR A 253 12.98 8.08 7.70
CA TYR A 253 14.15 7.22 7.73
C TYR A 253 13.84 5.90 7.05
N ASP A 254 13.54 6.01 5.76
CA ASP A 254 13.07 4.92 4.94
C ASP A 254 13.89 4.98 3.64
N PRO A 255 14.59 3.89 3.24
CA PRO A 255 15.28 3.87 1.95
C PRO A 255 14.34 4.30 0.82
N LEU A 256 13.03 3.99 0.93
CA LEU A 256 12.08 4.26 -0.16
C LEU A 256 11.58 5.69 -0.14
N ARG A 257 11.95 6.46 0.89
CA ARG A 257 11.41 7.80 1.02
C ARG A 257 11.56 8.60 -0.26
N ASP A 258 12.78 8.70 -0.81
CA ASP A 258 13.04 9.72 -1.83
C ASP A 258 12.26 9.42 -3.11
N GLU A 259 12.15 8.14 -3.48
CA GLU A 259 11.38 7.84 -4.69
C GLU A 259 9.91 8.20 -4.49
N GLY A 260 9.38 8.01 -3.27
CA GLY A 260 7.99 8.36 -2.98
C GLY A 260 7.75 9.86 -3.12
N GLU A 261 8.66 10.65 -2.53
CA GLU A 261 8.50 12.09 -2.48
C GLU A 261 8.77 12.69 -3.85
N ALA A 262 9.73 12.13 -4.61
CA ALA A 262 9.93 12.60 -5.98
C ALA A 262 8.70 12.34 -6.85
N TYR A 263 8.08 11.18 -6.68
CA TYR A 263 6.92 10.84 -7.47
C TYR A 263 5.77 11.80 -7.13
N ALA A 264 5.62 12.14 -5.84
CA ALA A 264 4.60 13.11 -5.46
C ALA A 264 4.86 14.46 -6.11
N GLU A 265 6.13 14.89 -6.14
CA GLU A 265 6.52 16.14 -6.80
C GLU A 265 6.19 16.10 -8.30
N ALA A 266 6.47 14.96 -8.95
CA ALA A 266 6.14 14.76 -10.36
C ALA A 266 4.63 14.83 -10.59
N LEU A 267 3.85 14.15 -9.73
CA LEU A 267 2.39 14.19 -9.90
C LEU A 267 1.90 15.63 -9.81
N ARG A 268 2.39 16.37 -8.81
CA ARG A 268 1.98 17.73 -8.55
C ARG A 268 2.24 18.63 -9.77
N ALA A 269 3.41 18.51 -10.37
CA ALA A 269 3.82 19.28 -11.55
C ALA A 269 3.05 18.83 -12.80
N ALA A 270 2.44 17.63 -12.77
CA ALA A 270 1.59 17.19 -13.86
C ALA A 270 0.13 17.56 -13.62
N GLY A 271 -0.15 18.45 -12.66
CA GLY A 271 -1.51 18.94 -12.48
C GLY A 271 -2.43 17.95 -11.74
N VAL A 272 -1.87 16.88 -11.16
CA VAL A 272 -2.64 15.98 -10.32
C VAL A 272 -2.78 16.57 -8.92
N PRO A 273 -4.00 16.66 -8.36
CA PRO A 273 -4.18 17.03 -6.96
C PRO A 273 -3.42 16.05 -6.06
N THR A 274 -2.42 16.57 -5.34
CA THR A 274 -1.45 15.72 -4.63
C THR A 274 -1.26 16.25 -3.21
N GLU A 275 -1.34 15.37 -2.23
CA GLU A 275 -0.87 15.65 -0.88
C GLU A 275 0.34 14.77 -0.58
N GLN A 276 1.43 15.43 -0.16
CA GLN A 276 2.64 14.71 0.20
CA GLN A 276 2.71 14.79 0.18
C GLN A 276 2.94 14.99 1.67
N ILE A 277 2.95 13.91 2.46
CA ILE A 277 3.16 14.01 3.89
C ILE A 277 4.33 13.11 4.30
N ARG A 278 5.41 13.74 4.79
CA ARG A 278 6.46 12.99 5.47
C ARG A 278 6.23 13.00 6.99
N PHE A 279 6.19 11.79 7.58
CA PHE A 279 6.22 11.58 9.01
C PHE A 279 7.68 11.51 9.50
N ASP A 280 8.12 12.61 10.09
CA ASP A 280 9.45 12.78 10.64
C ASP A 280 9.71 11.79 11.77
N GLY A 281 10.95 11.31 11.82
CA GLY A 281 11.38 10.42 12.87
C GLY A 281 10.90 8.99 12.69
N MET A 282 10.14 8.71 11.61
CA MET A 282 9.48 7.41 11.45
C MET A 282 10.28 6.53 10.50
N ILE A 283 9.92 5.24 10.50
CA ILE A 283 10.52 4.26 9.65
C ILE A 283 9.46 3.62 8.76
N HIS A 284 9.95 2.86 7.78
CA HIS A 284 9.12 2.09 6.88
C HIS A 284 8.27 1.17 7.73
N GLY A 285 7.02 0.97 7.31
CA GLY A 285 6.13 -0.02 7.90
C GLY A 285 5.23 0.60 8.97
N PHE A 286 5.39 1.89 9.27
CA PHE A 286 4.85 2.38 10.52
C PHE A 286 3.32 2.34 10.50
N MET A 287 2.68 2.27 9.32
CA MET A 287 1.22 2.30 9.33
C MET A 287 0.62 0.91 9.48
N THR A 288 1.45 -0.12 9.67
CA THR A 288 0.97 -1.38 10.21
C THR A 288 1.67 -1.69 11.54
N MET A 289 2.11 -0.65 12.26
CA MET A 289 2.75 -0.85 13.56
C MET A 289 2.03 -0.01 14.61
N PRO A 290 0.88 -0.48 15.16
CA PRO A 290 -0.02 0.36 15.94
C PRO A 290 0.54 0.74 17.31
N ILE A 291 1.77 0.28 17.62
CA ILE A 291 2.50 0.75 18.80
C ILE A 291 2.95 2.20 18.61
N PHE A 292 2.91 2.73 17.37
CA PHE A 292 3.26 4.12 17.12
C PHE A 292 1.98 4.92 16.88
N PRO A 293 1.71 6.00 17.63
CA PRO A 293 0.53 6.84 17.39
C PRO A 293 0.48 7.49 16.00
N GLN A 294 1.63 7.56 15.32
CA GLN A 294 1.71 8.13 13.97
C GLN A 294 0.93 7.26 12.99
N MET A 295 0.74 5.97 13.30
CA MET A 295 -0.09 5.14 12.45
C MET A 295 -1.51 5.71 12.40
N GLU A 296 -2.11 6.00 13.55
CA GLU A 296 -3.42 6.62 13.62
C GLU A 296 -3.44 8.04 13.03
N ALA A 297 -2.35 8.79 13.16
CA ALA A 297 -2.30 10.14 12.62
C ALA A 297 -2.36 10.08 11.09
N ALA A 298 -1.67 9.08 10.52
CA ALA A 298 -1.63 8.89 9.07
C ALA A 298 -2.99 8.46 8.55
N ILE A 299 -3.68 7.65 9.34
CA ILE A 299 -5.02 7.21 8.99
C ILE A 299 -5.98 8.40 9.04
N GLU A 300 -5.75 9.34 9.94
CA GLU A 300 -6.55 10.56 10.01
C GLU A 300 -6.25 11.44 8.81
N ALA A 301 -4.98 11.48 8.37
CA ALA A 301 -4.60 12.15 7.14
C ALA A 301 -5.38 11.58 5.94
N VAL A 302 -5.53 10.25 5.92
CA VAL A 302 -6.30 9.60 4.87
C VAL A 302 -7.74 10.12 4.91
N ALA A 303 -8.38 10.16 6.07
CA ALA A 303 -9.77 10.59 6.14
C ALA A 303 -9.94 12.04 5.73
N ARG A 304 -9.00 12.92 6.14
CA ARG A 304 -9.08 14.32 5.77
C ARG A 304 -8.85 14.50 4.27
N PHE A 305 -7.89 13.77 3.72
CA PHE A 305 -7.66 13.82 2.27
C PHE A 305 -8.90 13.41 1.49
N LEU A 306 -9.48 12.26 1.85
CA LEU A 306 -10.66 11.77 1.16
C LEU A 306 -11.87 12.69 1.32
N GLU A 307 -11.96 13.51 2.38
CA GLU A 307 -13.05 14.47 2.49
C GLU A 307 -13.09 15.44 1.32
N ARG A 308 -11.91 15.69 0.73
CA ARG A 308 -11.75 16.72 -0.27
C ARG A 308 -12.09 16.18 -1.66
N ILE A 309 -12.26 14.85 -1.79
CA ILE A 309 -12.39 14.19 -3.07
C ILE A 309 -13.75 14.49 -3.69
N ASP A 310 -14.81 14.52 -2.87
CA ASP A 310 -16.13 14.98 -3.31
C ASP A 310 -16.49 16.25 -2.53
C QGL B . 5.89 -8.57 22.44
O QGL B . 6.76 -9.54 22.14
C1 QGL B . 4.56 -9.08 22.93
C10 QGL B . 7.60 -13.46 21.56
C11 QGL B . 8.94 -13.00 22.16
C12 QGL B . 5.43 -14.35 22.54
C13 QGL B . 3.93 -14.06 22.78
C14 QGL B . 3.37 -14.26 24.19
C15 QGL B . 2.09 -15.06 24.24
C2 QGL B . 3.41 -8.54 22.35
C3 QGL B . 2.15 -8.96 22.72
C4 QGL B . 2.00 -9.92 23.70
C5 QGL B . 3.13 -10.46 24.30
C6 QGL B . 4.40 -10.04 23.95
C7 QGL B . 5.57 -10.70 24.62
C8 QGL B . 6.72 -12.63 23.84
C9 QGL B . 6.37 -13.14 22.44
O1 QGL B . 5.52 -12.02 24.43
O2 QGL B . 6.57 -10.11 25.01
O3 QGL B . 6.15 -7.40 22.32
H9 QGL B . 7.63 -14.43 21.40
H8 QGL B . 7.48 -13.01 20.68
H12 QGL B . 8.97 -12.00 22.26
H10 QGL B . 9.65 -13.28 21.54
H11 QGL B . 9.09 -13.43 23.05
H14 QGL B . 5.51 -14.88 21.71
H13 QGL B . 5.75 -14.92 23.28
H16 QGL B . 3.75 -13.12 22.53
H15 QGL B . 3.40 -14.64 22.17
H18 QGL B . 4.04 -14.72 24.74
H17 QGL B . 3.20 -13.37 24.59
H20 QGL B . 2.32 -16.06 24.12
H21 QGL B . 1.47 -14.73 23.49
H19 QGL B . 1.62 -14.93 25.17
H1 QGL B . 3.51 -7.90 21.67
H2 QGL B . 1.38 -8.58 22.31
H3 QGL B . 1.14 -10.20 23.97
H4 QGL B . 3.02 -11.11 24.97
H5 QGL B . 7.04 -13.37 24.40
H6 QGL B . 7.44 -11.95 23.79
H7 QGL B . 5.87 -12.42 21.98
C ACE C . 7.49 -4.10 2.72
O ACE C . 6.81 -4.20 1.74
CH3 ACE C . 7.00 -4.56 4.10
H ACE C . 8.37 -3.74 2.69
H1 ACE C . 6.10 -4.91 4.03
H2 ACE C . 6.98 -3.80 4.71
H3 ACE C . 7.58 -5.24 4.46
C7 2EH D . 15.52 -3.41 -6.50
C8 2EH D . 14.54 -1.42 -5.26
C9 2EH D . 15.82 -0.68 -5.60
C12 2EH D . 12.20 -3.11 -4.42
C7A 2EH D . 14.64 -2.97 -5.33
O7C 2EH D . 15.61 -4.83 -6.63
CBA 2EH D . 13.24 -3.63 -5.40
CCA 2EH D . 11.40 -4.21 -3.71
CCB 2EH D . 10.70 -5.17 -4.64
H7 2EH D . 16.42 -3.05 -6.37
H7A 2EH D . 15.16 -3.04 -7.32
H8 2EH D . 13.84 -1.13 -5.88
H8A 2EH D . 14.27 -1.16 -4.35
H9 2EH D . 15.72 0.27 -5.36
H9A 2EH D . 16.00 -0.75 -6.58
H9B 2EH D . 16.57 -1.07 -5.09
H12 2EH D . 11.57 -2.52 -4.90
H12A 2EH D . 12.64 -2.57 -3.74
H7AA 2EH D . 15.08 -3.27 -4.49
HO7C 2EH D . 15.75 -5.19 -5.59
HBA 2EH D . 12.89 -3.52 -6.31
HBAA 2EH D . 13.36 -4.59 -5.25
HCA 2EH D . 10.73 -3.78 -3.14
HCAA 2EH D . 12.01 -4.71 -3.14
HCB 2EH D . 9.98 -5.66 -4.12
HCBA 2EH D . 11.38 -5.83 -4.99
HCBB 2EH D . 10.30 -4.64 -5.41
#